data_4L82
#
_entry.id   4L82
#
_cell.length_a   52.580
_cell.length_b   79.730
_cell.length_c   155.140
_cell.angle_alpha   90.000
_cell.angle_beta   90.000
_cell.angle_gamma   90.000
#
_symmetry.space_group_name_H-M   'P 21 21 21'
#
loop_
_entity.id
_entity.type
_entity.pdbx_description
1 polymer RifeA.00250.a
2 non-polymer 'CHLORIDE ION'
3 non-polymer 'FLAVIN MONONUCLEOTIDE'
4 non-polymer 'THIOCYANATE ION'
5 water water
#
_entity_poly.entity_id   1
_entity_poly.type   'polypeptide(L)'
_entity_poly.pdbx_seq_one_letter_code
;MAHHHHHHMAGTVTESQFKDTMSRFPQGVTIITTNCNNELFGFTASSLTSVSLKPPLILFCLNKNSFSINSFQKSDKFAV
SILAENQIDISKHFAKSQPNKFTKIAYELGNKTNCPLINGATCYIECNKYASYDAGDHVIFIGEVINTAIKNDLKPLLYF
HKSYTNLQ
;
_entity_poly.pdbx_strand_id   A,B,C,D
#
# COMPACT_ATOMS: atom_id res chain seq x y z
N VAL A 13 -12.81 -0.30 -8.93
CA VAL A 13 -12.61 -1.78 -8.97
C VAL A 13 -12.84 -2.35 -7.57
N THR A 14 -13.69 -3.37 -7.48
CA THR A 14 -14.08 -3.96 -6.21
C THR A 14 -13.05 -5.00 -5.85
N GLU A 15 -12.99 -5.35 -4.57
CA GLU A 15 -12.07 -6.38 -4.16
CA GLU A 15 -12.13 -6.41 -4.10
C GLU A 15 -12.42 -7.69 -4.87
N SER A 16 -13.71 -8.00 -4.97
CA SER A 16 -14.17 -9.22 -5.57
C SER A 16 -13.80 -9.30 -7.04
N GLN A 17 -14.01 -8.23 -7.81
CA GLN A 17 -13.66 -8.28 -9.22
C GLN A 17 -12.14 -8.42 -9.41
N PHE A 18 -11.35 -7.71 -8.62
CA PHE A 18 -9.88 -7.89 -8.66
C PHE A 18 -9.49 -9.33 -8.34
N LYS A 19 -9.88 -9.84 -7.17
CA LYS A 19 -9.44 -11.20 -6.76
C LYS A 19 -9.96 -12.28 -7.69
N ASP A 20 -11.21 -12.16 -8.12
CA ASP A 20 -11.79 -13.24 -8.92
C ASP A 20 -11.19 -13.28 -10.33
N THR A 21 -10.95 -12.10 -10.90
CA THR A 21 -10.29 -12.01 -12.19
C THR A 21 -8.84 -12.53 -12.10
N MET A 22 -8.08 -12.11 -11.09
CA MET A 22 -6.69 -12.58 -11.01
C MET A 22 -6.58 -14.09 -10.75
N SER A 23 -7.58 -14.65 -10.08
CA SER A 23 -7.65 -16.08 -9.88
C SER A 23 -7.72 -16.86 -11.19
N ARG A 24 -8.00 -16.17 -12.29
CA ARG A 24 -8.05 -16.80 -13.59
C ARG A 24 -6.65 -17.08 -14.14
N PHE A 25 -5.62 -16.50 -13.52
CA PHE A 25 -4.25 -16.73 -13.95
C PHE A 25 -3.71 -17.88 -13.13
N PRO A 26 -3.46 -19.03 -13.78
CA PRO A 26 -3.03 -20.13 -12.95
C PRO A 26 -1.57 -20.00 -12.55
N GLN A 27 -1.25 -20.51 -11.37
CA GLN A 27 0.11 -20.45 -10.84
C GLN A 27 0.43 -21.75 -10.12
N GLY A 28 1.72 -22.07 -10.06
CA GLY A 28 2.19 -23.05 -9.12
C GLY A 28 2.11 -22.64 -7.69
N VAL A 29 2.57 -23.53 -6.81
CA VAL A 29 2.51 -23.25 -5.37
C VAL A 29 3.85 -23.61 -4.77
N THR A 30 4.38 -22.70 -3.98
CA THR A 30 5.67 -22.83 -3.36
C THR A 30 5.59 -22.62 -1.86
N ILE A 31 6.59 -23.14 -1.15
CA ILE A 31 6.81 -22.72 0.25
C ILE A 31 8.09 -21.89 0.24
N ILE A 32 8.01 -20.68 0.78
CA ILE A 32 9.11 -19.73 0.80
C ILE A 32 9.50 -19.53 2.25
N THR A 33 10.81 -19.58 2.50
CA THR A 33 11.28 -19.65 3.88
C THR A 33 12.47 -18.77 4.12
N THR A 34 12.72 -18.50 5.39
CA THR A 34 13.99 -17.95 5.80
C THR A 34 14.31 -18.44 7.23
N ASN A 35 15.55 -18.27 7.59
CA ASN A 35 16.12 -18.66 8.86
C ASN A 35 16.64 -17.34 9.44
N CYS A 36 16.07 -16.88 10.53
CA CYS A 36 16.47 -15.59 11.12
C CYS A 36 16.89 -15.89 12.54
N ASN A 37 18.21 -15.81 12.78
CA ASN A 37 18.78 -16.13 14.10
C ASN A 37 18.41 -17.55 14.53
N ASN A 38 18.49 -18.50 13.60
CA ASN A 38 18.17 -19.91 13.83
C ASN A 38 16.71 -20.22 14.05
N GLU A 39 15.85 -19.21 13.91
CA GLU A 39 14.40 -19.41 13.96
CA GLU A 39 14.41 -19.43 13.94
C GLU A 39 13.89 -19.54 12.52
N LEU A 40 13.05 -20.54 12.30
CA LEU A 40 12.59 -20.88 10.95
C LEU A 40 11.22 -20.27 10.68
N PHE A 41 11.10 -19.63 9.53
CA PHE A 41 9.82 -19.02 9.11
C PHE A 41 9.48 -19.46 7.69
N GLY A 42 8.18 -19.58 7.40
CA GLY A 42 7.78 -19.86 6.05
C GLY A 42 6.31 -19.67 5.81
N PHE A 43 5.97 -19.51 4.54
CA PHE A 43 4.60 -19.33 4.13
C PHE A 43 4.42 -19.90 2.72
N THR A 44 3.17 -20.13 2.38
CA THR A 44 2.80 -20.65 1.10
C THR A 44 2.60 -19.49 0.16
N ALA A 45 3.23 -19.57 -1.00
CA ALA A 45 3.22 -18.48 -1.96
C ALA A 45 2.92 -18.97 -3.35
N SER A 46 1.99 -18.31 -4.01
CA SER A 46 1.86 -18.43 -5.48
C SER A 46 2.37 -17.25 -6.29
N SER A 47 2.85 -16.20 -5.65
CA SER A 47 3.40 -15.04 -6.36
CA SER A 47 3.36 -15.06 -6.42
C SER A 47 4.78 -15.24 -7.03
N LEU A 48 5.42 -16.39 -6.90
CA LEU A 48 6.74 -16.51 -7.49
C LEU A 48 6.72 -16.09 -9.02
N THR A 49 7.73 -15.33 -9.48
CA THR A 49 8.07 -15.32 -10.91
C THR A 49 9.54 -15.07 -11.16
N SER A 50 10.00 -15.59 -12.29
CA SER A 50 11.33 -15.29 -12.79
C SER A 50 11.35 -13.84 -13.18
N VAL A 51 12.46 -13.19 -12.88
CA VAL A 51 12.66 -11.79 -13.11
C VAL A 51 13.79 -11.47 -14.10
N SER A 52 14.93 -12.15 -13.97
CA SER A 52 16.10 -11.76 -14.74
C SER A 52 16.93 -12.97 -14.97
N LEU A 53 17.63 -13.02 -16.11
CA LEU A 53 18.50 -14.14 -16.39
C LEU A 53 19.93 -13.81 -15.92
N LYS A 54 20.42 -12.64 -16.29
CA LYS A 54 21.75 -12.17 -15.88
C LYS A 54 21.64 -10.84 -15.13
N PRO A 55 21.81 -10.85 -13.80
CA PRO A 55 21.94 -12.04 -12.95
C PRO A 55 20.61 -12.78 -12.82
N PRO A 56 20.64 -14.02 -12.30
CA PRO A 56 19.44 -14.83 -12.16
C PRO A 56 18.63 -14.36 -10.97
N LEU A 57 17.48 -13.70 -11.24
CA LEU A 57 16.64 -13.17 -10.18
C LEU A 57 15.22 -13.71 -10.28
N ILE A 58 14.60 -13.83 -9.11
CA ILE A 58 13.20 -14.22 -8.99
C ILE A 58 12.61 -13.23 -7.99
N LEU A 59 11.30 -13.11 -7.94
CA LEU A 59 10.65 -12.32 -6.89
C LEU A 59 9.45 -13.05 -6.30
N PHE A 60 9.02 -12.62 -5.12
CA PHE A 60 7.75 -13.03 -4.57
C PHE A 60 7.21 -11.83 -3.85
N CYS A 61 5.92 -11.88 -3.54
CA CYS A 61 5.29 -10.81 -2.80
C CYS A 61 4.73 -11.37 -1.48
N LEU A 62 4.88 -10.63 -0.40
CA LEU A 62 4.40 -11.04 0.88
C LEU A 62 3.60 -9.91 1.53
N ASN A 63 2.42 -10.24 2.02
CA ASN A 63 1.56 -9.26 2.71
C ASN A 63 2.23 -8.65 3.93
N LYS A 64 2.09 -7.34 4.08
CA LYS A 64 2.65 -6.66 5.25
C LYS A 64 2.01 -7.06 6.57
N ASN A 65 0.82 -7.66 6.50
CA ASN A 65 0.13 -8.15 7.67
C ASN A 65 0.46 -9.61 8.02
N SER A 66 1.44 -10.22 7.38
CA SER A 66 1.77 -11.60 7.71
C SER A 66 2.68 -11.64 8.94
N PHE A 67 2.56 -12.71 9.72
CA PHE A 67 3.44 -12.90 10.87
C PHE A 67 4.90 -12.98 10.45
N SER A 68 5.16 -13.48 9.25
CA SER A 68 6.52 -13.71 8.76
C SER A 68 7.29 -12.43 8.31
N ILE A 69 6.59 -11.30 8.12
CA ILE A 69 7.14 -10.18 7.33
C ILE A 69 8.44 -9.62 7.93
N ASN A 70 8.46 -9.40 9.23
CA ASN A 70 9.69 -8.94 9.89
C ASN A 70 10.88 -9.84 9.69
N SER A 71 10.65 -11.14 9.68
CA SER A 71 11.78 -12.05 9.56
C SER A 71 12.34 -11.94 8.13
N PHE A 72 11.48 -11.88 7.12
CA PHE A 72 11.96 -11.70 5.75
C PHE A 72 12.63 -10.35 5.52
N GLN A 73 12.11 -9.28 6.15
CA GLN A 73 12.70 -7.96 6.07
C GLN A 73 14.14 -7.95 6.63
N LYS A 74 14.32 -8.62 7.78
CA LYS A 74 15.60 -8.61 8.50
C LYS A 74 16.58 -9.62 7.94
N SER A 75 16.11 -10.72 7.37
CA SER A 75 17.01 -11.76 6.92
C SER A 75 17.48 -11.45 5.51
N ASP A 76 18.75 -11.65 5.19
CA ASP A 76 19.23 -11.30 3.84
C ASP A 76 19.23 -12.47 2.87
N LYS A 77 18.44 -13.48 3.17
CA LYS A 77 18.37 -14.64 2.32
C LYS A 77 17.03 -15.35 2.48
N PHE A 78 16.68 -16.16 1.47
CA PHE A 78 15.49 -17.03 1.54
C PHE A 78 15.61 -18.22 0.63
N ALA A 79 14.70 -19.15 0.82
CA ALA A 79 14.61 -20.33 -0.06
C ALA A 79 13.20 -20.59 -0.50
N VAL A 80 13.07 -21.32 -1.60
CA VAL A 80 11.84 -21.62 -2.26
C VAL A 80 11.79 -23.09 -2.64
N SER A 81 10.70 -23.74 -2.27
CA SER A 81 10.39 -25.09 -2.64
C SER A 81 9.14 -25.11 -3.52
N ILE A 82 9.29 -25.67 -4.72
CA ILE A 82 8.16 -25.79 -5.62
C ILE A 82 7.47 -27.12 -5.35
N LEU A 83 6.21 -26.99 -4.96
CA LEU A 83 5.45 -28.14 -4.48
C LEU A 83 4.94 -29.04 -5.58
N ALA A 84 4.96 -30.34 -5.27
CA ALA A 84 4.44 -31.39 -6.14
C ALA A 84 2.94 -31.54 -5.94
N GLU A 85 2.26 -32.15 -6.91
CA GLU A 85 0.79 -32.24 -6.83
C GLU A 85 0.26 -33.02 -5.61
N ASN A 86 1.11 -33.83 -4.97
CA ASN A 86 0.74 -34.59 -3.78
C ASN A 86 1.02 -33.88 -2.45
N GLN A 87 1.19 -32.56 -2.51
CA GLN A 87 1.59 -31.78 -1.34
C GLN A 87 0.57 -30.69 -0.94
N ILE A 88 -0.69 -30.94 -1.21
CA ILE A 88 -1.75 -30.01 -0.83
C ILE A 88 -1.73 -29.82 0.68
N ASP A 89 -1.53 -30.88 1.44
CA ASP A 89 -1.57 -30.76 2.88
CA ASP A 89 -1.52 -30.79 2.89
C ASP A 89 -0.45 -29.81 3.37
N ILE A 90 0.74 -29.91 2.80
CA ILE A 90 1.85 -28.99 3.12
C ILE A 90 1.53 -27.53 2.74
N SER A 91 0.84 -27.34 1.61
CA SER A 91 0.46 -26.01 1.19
C SER A 91 -0.52 -25.36 2.18
N LYS A 92 -1.54 -26.12 2.58
CA LYS A 92 -2.50 -25.63 3.59
C LYS A 92 -1.84 -25.34 4.92
N HIS A 93 -0.94 -26.21 5.34
CA HIS A 93 -0.25 -26.02 6.63
C HIS A 93 0.47 -24.66 6.64
N PHE A 94 1.30 -24.42 5.64
CA PHE A 94 2.13 -23.19 5.58
C PHE A 94 1.33 -21.93 5.24
N ALA A 95 0.09 -22.13 4.82
CA ALA A 95 -0.83 -21.01 4.67
C ALA A 95 -1.46 -20.62 5.99
N LYS A 96 -1.39 -21.50 7.01
CA LYS A 96 -2.09 -21.27 8.27
C LYS A 96 -1.22 -20.41 9.16
N SER A 97 -1.74 -19.29 9.64
CA SER A 97 -0.90 -18.37 10.42
C SER A 97 -0.72 -18.89 11.83
N GLN A 98 0.51 -19.16 12.21
CA GLN A 98 0.79 -19.67 13.55
C GLN A 98 2.31 -19.74 13.71
N PRO A 99 2.79 -19.80 14.98
CA PRO A 99 4.22 -19.93 15.17
C PRO A 99 4.65 -21.39 14.96
N ASN A 100 5.94 -21.64 14.95
CA ASN A 100 6.48 -23.00 14.92
C ASN A 100 5.86 -23.89 13.86
N LYS A 101 5.92 -23.45 12.60
CA LYS A 101 5.37 -24.22 11.49
C LYS A 101 6.16 -25.49 11.11
N PHE A 102 7.42 -25.57 11.52
CA PHE A 102 8.31 -26.64 11.03
C PHE A 102 8.44 -27.85 11.96
N THR A 103 7.71 -27.83 13.07
CA THR A 103 8.00 -28.76 14.14
C THR A 103 7.89 -30.21 13.66
N LYS A 104 6.84 -30.50 12.88
CA LYS A 104 6.66 -31.85 12.37
C LYS A 104 6.89 -31.95 10.86
N ILE A 105 7.61 -31.00 10.28
CA ILE A 105 7.80 -30.95 8.86
C ILE A 105 9.17 -31.51 8.50
N ALA A 106 9.24 -32.31 7.44
CA ALA A 106 10.50 -32.83 6.93
C ALA A 106 11.14 -31.76 6.02
N TYR A 107 12.29 -31.20 6.44
CA TYR A 107 12.98 -30.15 5.68
C TYR A 107 14.50 -30.43 5.66
N GLU A 108 15.21 -29.67 4.87
CA GLU A 108 16.65 -29.59 5.05
C GLU A 108 17.08 -28.16 4.86
N LEU A 109 17.89 -27.71 5.80
CA LEU A 109 18.40 -26.36 5.72
C LEU A 109 19.38 -26.25 4.55
N GLY A 110 19.11 -25.34 3.63
CA GLY A 110 19.92 -25.17 2.42
C GLY A 110 21.42 -24.98 2.63
N ASN A 111 22.20 -25.52 1.71
CA ASN A 111 23.67 -25.45 1.83
C ASN A 111 24.19 -24.01 1.78
N LYS A 112 23.58 -23.16 0.97
CA LYS A 112 24.09 -21.81 0.80
C LYS A 112 23.44 -20.76 1.69
N THR A 113 22.23 -21.02 2.18
CA THR A 113 21.49 -20.01 2.98
C THR A 113 21.06 -20.46 4.38
N ASN A 114 21.10 -21.77 4.61
CA ASN A 114 20.55 -22.36 5.82
C ASN A 114 19.05 -22.15 5.99
N CYS A 115 18.36 -21.80 4.90
CA CYS A 115 16.91 -21.69 4.91
C CYS A 115 16.26 -23.04 4.54
N PRO A 116 15.14 -23.34 5.19
CA PRO A 116 14.55 -24.68 4.98
C PRO A 116 13.96 -24.93 3.58
N LEU A 117 14.36 -26.07 3.02
CA LEU A 117 13.83 -26.61 1.75
C LEU A 117 12.95 -27.81 2.11
N ILE A 118 11.77 -27.91 1.48
CA ILE A 118 10.70 -28.81 1.93
C ILE A 118 10.80 -30.15 1.20
N ASN A 119 11.00 -31.22 1.98
CA ASN A 119 11.16 -32.56 1.41
C ASN A 119 9.92 -32.93 0.58
N GLY A 120 10.12 -33.60 -0.56
CA GLY A 120 9.00 -33.97 -1.46
C GLY A 120 8.72 -32.91 -2.53
N ALA A 121 9.17 -31.67 -2.31
CA ALA A 121 9.11 -30.65 -3.37
C ALA A 121 9.81 -31.06 -4.65
N THR A 122 9.30 -30.60 -5.79
CA THR A 122 9.89 -30.95 -7.08
C THR A 122 11.26 -30.31 -7.25
N CYS A 123 11.38 -29.06 -6.80
CA CYS A 123 12.57 -28.21 -6.99
C CYS A 123 12.87 -27.38 -5.74
N TYR A 124 14.17 -27.18 -5.50
CA TYR A 124 14.67 -26.32 -4.45
C TYR A 124 15.43 -25.15 -5.11
N ILE A 125 15.28 -23.97 -4.51
CA ILE A 125 15.95 -22.74 -4.92
C ILE A 125 16.41 -21.97 -3.68
N GLU A 126 17.65 -21.52 -3.69
CA GLU A 126 18.20 -20.69 -2.63
C GLU A 126 18.56 -19.34 -3.22
N CYS A 127 18.22 -18.26 -2.49
CA CYS A 127 18.54 -16.91 -2.89
C CYS A 127 19.21 -16.13 -1.77
N ASN A 128 20.09 -15.24 -2.20
CA ASN A 128 20.42 -14.05 -1.46
C ASN A 128 19.46 -12.96 -1.86
N LYS A 129 19.04 -12.17 -0.86
CA LYS A 129 18.20 -11.04 -1.11
C LYS A 129 18.92 -10.02 -1.99
N TYR A 130 18.27 -9.63 -3.07
CA TYR A 130 18.86 -8.73 -4.05
C TYR A 130 18.33 -7.32 -3.89
N ALA A 131 17.03 -7.23 -3.63
CA ALA A 131 16.35 -5.96 -3.42
C ALA A 131 14.96 -6.25 -2.85
N SER A 132 14.33 -5.19 -2.33
CA SER A 132 12.94 -5.26 -1.92
C SER A 132 12.25 -3.88 -2.01
N TYR A 133 10.95 -3.92 -2.20
CA TYR A 133 10.18 -2.73 -2.51
C TYR A 133 8.81 -2.82 -1.93
N ASP A 134 8.40 -1.68 -1.42
CA ASP A 134 7.06 -1.49 -0.93
C ASP A 134 6.14 -1.45 -2.12
N ALA A 135 5.03 -2.17 -2.06
CA ALA A 135 4.05 -2.17 -3.18
C ALA A 135 2.63 -2.34 -2.65
N GLY A 136 1.98 -1.22 -2.40
CA GLY A 136 0.65 -1.23 -1.80
C GLY A 136 0.71 -1.96 -0.47
N ASP A 137 -0.07 -3.01 -0.30
CA ASP A 137 -0.13 -3.70 1.01
C ASP A 137 0.76 -4.91 1.12
N HIS A 138 1.65 -5.06 0.13
CA HIS A 138 2.68 -6.08 0.15
C HIS A 138 4.07 -5.46 0.06
N VAL A 139 5.07 -6.33 0.27
CA VAL A 139 6.46 -6.07 -0.05
C VAL A 139 6.87 -7.07 -1.16
N ILE A 140 7.50 -6.53 -2.19
CA ILE A 140 8.11 -7.35 -3.25
C ILE A 140 9.55 -7.68 -2.86
N PHE A 141 9.84 -8.98 -2.76
CA PHE A 141 11.19 -9.41 -2.44
C PHE A 141 11.81 -9.99 -3.70
N ILE A 142 12.96 -9.47 -4.08
CA ILE A 142 13.71 -10.01 -5.17
C ILE A 142 14.95 -10.75 -4.64
N GLY A 143 15.18 -11.96 -5.16
CA GLY A 143 16.32 -12.76 -4.76
C GLY A 143 17.18 -13.13 -5.95
N GLU A 144 18.50 -13.10 -5.75
CA GLU A 144 19.45 -13.66 -6.70
C GLU A 144 19.60 -15.15 -6.37
N VAL A 145 19.38 -15.99 -7.37
CA VAL A 145 19.45 -17.43 -7.20
C VAL A 145 20.90 -17.81 -7.12
N ILE A 146 21.25 -18.50 -6.04
CA ILE A 146 22.63 -19.00 -5.86
C ILE A 146 22.75 -20.52 -5.75
N ASN A 147 21.63 -21.23 -5.74
CA ASN A 147 21.61 -22.68 -5.71
C ASN A 147 20.25 -23.17 -6.19
N THR A 148 20.24 -24.25 -6.98
CA THR A 148 19.01 -24.91 -7.37
C THR A 148 19.19 -26.41 -7.38
N ALA A 149 18.10 -27.14 -7.23
CA ALA A 149 18.16 -28.59 -7.35
C ALA A 149 16.84 -29.11 -7.85
N ILE A 150 16.90 -30.00 -8.86
CA ILE A 150 15.69 -30.66 -9.31
C ILE A 150 15.66 -31.99 -8.57
N LYS A 151 14.68 -32.15 -7.67
CA LYS A 151 14.65 -33.32 -6.73
C LYS A 151 13.85 -34.52 -7.20
N ASN A 152 12.81 -34.28 -7.98
CA ASN A 152 12.03 -35.41 -8.51
C ASN A 152 11.36 -35.00 -9.81
N ASP A 153 10.65 -35.95 -10.43
CA ASP A 153 9.99 -35.71 -11.69
C ASP A 153 8.49 -35.64 -11.50
N LEU A 154 8.03 -35.34 -10.28
CA LEU A 154 6.60 -35.26 -10.02
C LEU A 154 6.03 -34.01 -10.67
N LYS A 155 4.73 -34.05 -10.93
CA LYS A 155 4.04 -32.93 -11.56
C LYS A 155 3.78 -31.90 -10.47
N PRO A 156 3.71 -30.62 -10.85
CA PRO A 156 3.58 -29.53 -9.90
C PRO A 156 2.17 -29.34 -9.37
N LEU A 157 2.05 -28.84 -8.15
CA LEU A 157 0.75 -28.39 -7.63
C LEU A 157 0.37 -27.08 -8.35
N LEU A 158 -0.89 -27.01 -8.78
CA LEU A 158 -1.45 -25.78 -9.38
C LEU A 158 -2.52 -25.19 -8.49
N TYR A 159 -2.64 -23.88 -8.55
CA TYR A 159 -3.70 -23.13 -7.89
C TYR A 159 -4.37 -22.24 -8.93
N PHE A 160 -5.68 -22.40 -9.09
CA PHE A 160 -6.40 -21.74 -10.17
C PHE A 160 -7.85 -21.55 -9.72
N HIS A 161 -8.39 -20.36 -9.94
CA HIS A 161 -9.79 -20.10 -9.60
C HIS A 161 -10.03 -20.39 -8.11
N LYS A 162 -9.03 -20.09 -7.28
CA LYS A 162 -9.13 -20.21 -5.82
C LYS A 162 -9.30 -21.66 -5.34
N SER A 163 -8.74 -22.59 -6.11
CA SER A 163 -8.78 -24.02 -5.89
C SER A 163 -7.48 -24.71 -6.31
N TYR A 164 -7.12 -25.79 -5.62
CA TYR A 164 -5.97 -26.60 -6.02
C TYR A 164 -6.34 -27.43 -7.22
N THR A 165 -5.42 -27.57 -8.15
CA THR A 165 -5.68 -28.47 -9.27
C THR A 165 -4.36 -28.99 -9.83
N ASN A 166 -4.45 -29.64 -10.99
CA ASN A 166 -3.36 -30.38 -11.60
C ASN A 166 -3.23 -30.04 -13.07
N LEU A 167 -2.01 -30.21 -13.59
CA LEU A 167 -1.79 -30.25 -15.03
C LEU A 167 -2.40 -31.53 -15.62
N GLN A 168 -2.64 -31.49 -16.92
CA GLN A 168 -3.36 -32.55 -17.66
C GLN A 168 -2.58 -33.85 -17.70
N ALA B 2 27.46 -30.44 10.16
CA ALA B 2 26.09 -29.88 9.99
C ALA B 2 26.15 -28.53 9.26
N HIS B 3 25.78 -27.44 9.93
CA HIS B 3 25.98 -26.09 9.40
C HIS B 3 26.27 -25.16 10.55
N HIS B 4 26.79 -23.98 10.25
CA HIS B 4 27.03 -22.97 11.28
C HIS B 4 26.48 -21.62 10.83
N HIS B 5 26.53 -20.62 11.72
CA HIS B 5 26.14 -19.25 11.41
C HIS B 5 27.12 -18.70 10.37
N HIS B 6 26.56 -18.26 9.26
CA HIS B 6 27.35 -17.66 8.20
C HIS B 6 26.53 -16.58 7.50
N HIS B 7 27.17 -15.95 6.55
CA HIS B 7 26.64 -14.78 5.93
C HIS B 7 26.61 -15.13 4.49
N HIS B 8 26.49 -14.12 3.66
CA HIS B 8 26.50 -14.24 2.23
C HIS B 8 27.46 -15.28 1.64
N MET B 9 26.87 -16.26 0.95
CA MET B 9 27.62 -17.21 0.13
C MET B 9 27.38 -16.95 -1.36
N ALA B 10 28.40 -17.19 -2.18
CA ALA B 10 28.34 -16.91 -3.60
C ALA B 10 27.45 -17.88 -4.37
N GLY B 11 27.50 -19.16 -4.03
CA GLY B 11 26.78 -20.16 -4.79
C GLY B 11 27.48 -20.61 -6.07
N THR B 12 26.89 -21.58 -6.75
CA THR B 12 27.52 -22.25 -7.89
C THR B 12 26.56 -22.47 -9.09
N VAL B 13 25.40 -21.80 -9.08
CA VAL B 13 24.35 -22.06 -10.07
C VAL B 13 24.70 -21.57 -11.48
N THR B 14 24.43 -22.38 -12.50
CA THR B 14 24.64 -21.99 -13.91
C THR B 14 23.34 -21.45 -14.51
N GLU B 15 23.43 -20.78 -15.66
CA GLU B 15 22.23 -20.24 -16.30
C GLU B 15 21.27 -21.36 -16.69
N SER B 16 21.81 -22.45 -17.23
CA SER B 16 20.97 -23.57 -17.64
CA SER B 16 20.98 -23.58 -17.65
C SER B 16 20.26 -24.19 -16.44
N GLN B 17 20.98 -24.30 -15.32
CA GLN B 17 20.37 -24.80 -14.09
C GLN B 17 19.24 -23.88 -13.63
N PHE B 18 19.45 -22.58 -13.75
CA PHE B 18 18.43 -21.61 -13.37
C PHE B 18 17.18 -21.74 -14.24
N LYS B 19 17.39 -21.78 -15.56
CA LYS B 19 16.29 -21.83 -16.51
C LYS B 19 15.49 -23.12 -16.35
N ASP B 20 16.21 -24.23 -16.25
CA ASP B 20 15.58 -25.53 -16.09
C ASP B 20 14.75 -25.58 -14.84
N THR B 21 15.32 -25.14 -13.72
CA THR B 21 14.58 -25.11 -12.46
C THR B 21 13.34 -24.20 -12.50
N MET B 22 13.51 -22.96 -12.94
CA MET B 22 12.37 -22.03 -12.97
C MET B 22 11.27 -22.47 -13.95
N SER B 23 11.65 -23.19 -15.00
CA SER B 23 10.66 -23.70 -15.94
C SER B 23 9.67 -24.62 -15.22
N ARG B 24 10.05 -25.11 -14.05
CA ARG B 24 9.20 -26.05 -13.34
C ARG B 24 8.18 -25.38 -12.42
N PHE B 25 8.16 -24.05 -12.40
CA PHE B 25 7.05 -23.33 -11.80
C PHE B 25 6.04 -23.09 -12.94
N PRO B 26 4.87 -23.72 -12.88
CA PRO B 26 3.92 -23.47 -13.98
C PRO B 26 3.23 -22.11 -13.85
N GLN B 27 2.91 -21.54 -15.01
CA GLN B 27 2.30 -20.25 -15.10
C GLN B 27 1.33 -20.21 -16.25
N GLY B 28 0.38 -19.28 -16.13
CA GLY B 28 -0.54 -18.94 -17.22
C GLY B 28 0.22 -18.17 -18.27
N VAL B 29 -0.51 -17.77 -19.31
CA VAL B 29 0.06 -17.08 -20.44
C VAL B 29 -0.85 -15.89 -20.77
N THR B 30 -0.25 -14.72 -20.92
CA THR B 30 -0.96 -13.48 -21.18
C THR B 30 -0.33 -12.74 -22.36
N ILE B 31 -1.14 -11.86 -22.96
CA ILE B 31 -0.64 -10.85 -23.87
C ILE B 31 -0.80 -9.51 -23.18
N ILE B 32 0.31 -8.80 -23.08
CA ILE B 32 0.34 -7.55 -22.36
C ILE B 32 0.58 -6.49 -23.38
N THR B 33 -0.21 -5.42 -23.32
CA THR B 33 -0.20 -4.43 -24.39
C THR B 33 -0.18 -3.00 -23.93
N THR B 34 0.19 -2.13 -24.86
CA THR B 34 0.01 -0.71 -24.63
C THR B 34 -0.21 0.07 -25.91
N ASN B 35 -0.53 1.33 -25.73
CA ASN B 35 -0.85 2.22 -26.83
C ASN B 35 -0.02 3.47 -26.52
N CYS B 36 1.04 3.68 -27.30
CA CYS B 36 2.00 4.77 -27.06
C CYS B 36 1.96 5.70 -28.26
N ASN B 37 1.47 6.92 -28.04
CA ASN B 37 1.24 7.86 -29.11
C ASN B 37 0.51 7.22 -30.32
N ASN B 38 -0.60 6.55 -30.02
CA ASN B 38 -1.48 5.94 -31.03
C ASN B 38 -0.77 4.92 -31.94
N GLU B 39 0.15 4.17 -31.33
CA GLU B 39 0.78 3.03 -31.95
C GLU B 39 0.67 1.86 -30.97
N LEU B 40 0.34 0.67 -31.46
CA LEU B 40 0.06 -0.47 -30.59
C LEU B 40 1.28 -1.38 -30.35
N PHE B 41 1.51 -1.76 -29.10
CA PHE B 41 2.58 -2.71 -28.80
C PHE B 41 2.09 -3.78 -27.86
N GLY B 42 2.68 -4.95 -27.95
CA GLY B 42 2.30 -6.04 -27.08
C GLY B 42 3.31 -7.17 -27.10
N PHE B 43 3.27 -8.01 -26.06
CA PHE B 43 4.13 -9.18 -26.00
C PHE B 43 3.51 -10.30 -25.16
N THR B 44 3.98 -11.53 -25.39
CA THR B 44 3.53 -12.68 -24.63
C THR B 44 4.28 -12.74 -23.30
N ALA B 45 3.54 -12.78 -22.18
CA ALA B 45 4.08 -12.69 -20.82
C ALA B 45 3.50 -13.77 -19.91
N SER B 46 4.39 -14.50 -19.21
CA SER B 46 4.01 -15.44 -18.18
C SER B 46 4.42 -14.98 -16.77
N SER B 47 5.22 -13.91 -16.70
CA SER B 47 5.65 -13.32 -15.42
C SER B 47 4.62 -12.48 -14.70
N LEU B 48 3.35 -12.72 -14.94
CA LEU B 48 2.33 -11.90 -14.32
C LEU B 48 2.24 -12.34 -12.84
N THR B 49 2.06 -11.40 -11.92
CA THR B 49 1.55 -11.81 -10.62
C THR B 49 0.79 -10.70 -9.94
N SER B 50 -0.21 -11.09 -9.16
CA SER B 50 -0.86 -10.20 -8.21
C SER B 50 0.14 -9.73 -7.16
N VAL B 51 0.05 -8.46 -6.78
CA VAL B 51 1.00 -7.86 -5.85
C VAL B 51 0.32 -7.33 -4.59
N SER B 52 -0.81 -6.66 -4.74
CA SER B 52 -1.45 -5.94 -3.65
C SER B 52 -2.96 -5.98 -3.82
N LEU B 53 -3.67 -5.94 -2.71
CA LEU B 53 -5.12 -5.89 -2.75
C LEU B 53 -5.61 -4.43 -2.62
N LYS B 54 -5.07 -3.69 -1.66
CA LYS B 54 -5.47 -2.31 -1.38
C LYS B 54 -4.22 -1.43 -1.42
N PRO B 55 -3.97 -0.72 -2.52
CA PRO B 55 -4.70 -0.70 -3.77
C PRO B 55 -4.44 -1.96 -4.61
N PRO B 56 -5.31 -2.22 -5.60
CA PRO B 56 -5.20 -3.47 -6.37
C PRO B 56 -4.09 -3.40 -7.43
N LEU B 57 -3.01 -4.13 -7.19
CA LEU B 57 -1.82 -4.01 -8.01
C LEU B 57 -1.42 -5.36 -8.55
N ILE B 58 -0.89 -5.35 -9.77
CA ILE B 58 -0.29 -6.51 -10.39
C ILE B 58 1.07 -6.10 -10.95
N LEU B 59 1.93 -7.08 -11.27
CA LEU B 59 3.17 -6.76 -11.97
C LEU B 59 3.46 -7.74 -13.07
N PHE B 60 4.32 -7.27 -13.97
CA PHE B 60 4.97 -8.15 -14.94
C PHE B 60 6.41 -7.67 -15.12
N CYS B 61 7.19 -8.51 -15.78
CA CYS B 61 8.60 -8.27 -16.02
C CYS B 61 8.84 -8.31 -17.52
N LEU B 62 9.60 -7.35 -18.04
CA LEU B 62 9.88 -7.29 -19.48
C LEU B 62 11.39 -7.10 -19.69
N ASN B 63 11.95 -7.88 -20.61
CA ASN B 63 13.38 -7.85 -20.93
C ASN B 63 13.78 -6.47 -21.46
N LYS B 64 14.87 -5.94 -20.91
CA LYS B 64 15.45 -4.68 -21.38
C LYS B 64 15.77 -4.66 -22.88
N ASN B 65 16.02 -5.84 -23.45
CA ASN B 65 16.39 -5.95 -24.85
C ASN B 65 15.23 -6.16 -25.81
N SER B 66 14.00 -6.14 -25.30
CA SER B 66 12.81 -6.29 -26.14
C SER B 66 12.51 -5.03 -26.99
N PHE B 67 11.95 -5.25 -28.18
CA PHE B 67 11.50 -4.14 -29.02
C PHE B 67 10.44 -3.31 -28.28
N SER B 68 9.63 -3.99 -27.48
CA SER B 68 8.50 -3.38 -26.77
C SER B 68 8.86 -2.39 -25.66
N ILE B 69 10.05 -2.54 -25.06
CA ILE B 69 10.37 -1.90 -23.77
C ILE B 69 10.18 -0.40 -23.77
N ASN B 70 10.62 0.29 -24.82
CA ASN B 70 10.49 1.75 -24.79
C ASN B 70 9.04 2.21 -24.66
N SER B 71 8.14 1.49 -25.30
CA SER B 71 6.75 1.91 -25.31
C SER B 71 6.16 1.78 -23.92
N PHE B 72 6.47 0.69 -23.22
CA PHE B 72 5.92 0.51 -21.89
C PHE B 72 6.50 1.54 -20.93
N GLN B 73 7.77 1.89 -21.14
CA GLN B 73 8.44 2.92 -20.34
C GLN B 73 7.81 4.30 -20.50
N LYS B 74 7.47 4.65 -21.73
CA LYS B 74 6.94 5.97 -22.00
C LYS B 74 5.45 6.05 -21.67
N SER B 75 4.71 4.97 -21.89
CA SER B 75 3.27 4.93 -21.67
C SER B 75 2.87 4.79 -20.19
N ASP B 76 1.76 5.41 -19.80
CA ASP B 76 1.26 5.39 -18.41
C ASP B 76 0.18 4.34 -18.13
N LYS B 77 -0.03 3.43 -19.06
CA LYS B 77 -1.13 2.49 -19.00
C LYS B 77 -0.74 1.21 -19.73
N PHE B 78 -1.38 0.11 -19.34
CA PHE B 78 -1.27 -1.13 -20.11
C PHE B 78 -2.47 -2.00 -19.86
N ALA B 79 -2.59 -3.05 -20.65
CA ALA B 79 -3.68 -4.00 -20.51
C ALA B 79 -3.16 -5.44 -20.63
N VAL B 80 -3.91 -6.37 -20.07
CA VAL B 80 -3.49 -7.78 -19.98
C VAL B 80 -4.67 -8.64 -20.42
N SER B 81 -4.40 -9.58 -21.31
CA SER B 81 -5.38 -10.58 -21.72
C SER B 81 -4.84 -11.96 -21.35
N ILE B 82 -5.62 -12.69 -20.55
CA ILE B 82 -5.21 -14.01 -20.05
C ILE B 82 -5.69 -15.04 -21.05
N LEU B 83 -4.75 -15.72 -21.70
CA LEU B 83 -5.10 -16.56 -22.84
C LEU B 83 -5.75 -17.88 -22.47
N ALA B 84 -6.70 -18.29 -23.31
CA ALA B 84 -7.32 -19.57 -23.22
C ALA B 84 -6.46 -20.66 -23.86
N GLU B 85 -6.82 -21.90 -23.54
CA GLU B 85 -6.19 -23.12 -24.07
C GLU B 85 -6.02 -23.19 -25.56
N ASN B 86 -6.99 -22.64 -26.30
CA ASN B 86 -6.97 -22.70 -27.78
C ASN B 86 -6.25 -21.49 -28.43
N GLN B 87 -5.46 -20.75 -27.65
CA GLN B 87 -4.80 -19.55 -28.14
C GLN B 87 -3.27 -19.62 -28.23
N ILE B 88 -2.73 -20.82 -28.46
CA ILE B 88 -1.29 -21.04 -28.63
C ILE B 88 -0.71 -20.22 -29.80
N ASP B 89 -1.47 -20.13 -30.88
CA ASP B 89 -1.02 -19.39 -32.05
C ASP B 89 -0.87 -17.91 -31.73
N ILE B 90 -1.79 -17.40 -30.92
CA ILE B 90 -1.73 -16.02 -30.45
C ILE B 90 -0.49 -15.85 -29.58
N SER B 91 -0.28 -16.81 -28.69
CA SER B 91 0.87 -16.78 -27.79
C SER B 91 2.19 -16.77 -28.56
N LYS B 92 2.33 -17.65 -29.55
CA LYS B 92 3.54 -17.66 -30.37
C LYS B 92 3.71 -16.38 -31.18
N HIS B 93 2.63 -15.86 -31.75
CA HIS B 93 2.71 -14.65 -32.59
C HIS B 93 3.25 -13.48 -31.77
N PHE B 94 2.75 -13.29 -30.54
CA PHE B 94 3.16 -12.14 -29.73
C PHE B 94 4.53 -12.32 -29.11
N ALA B 95 5.00 -13.57 -29.03
CA ALA B 95 6.36 -13.85 -28.55
C ALA B 95 7.40 -13.64 -29.65
N LYS B 96 6.98 -13.40 -30.89
CA LYS B 96 7.92 -13.20 -32.03
C LYS B 96 8.20 -11.72 -32.17
N SER B 97 9.47 -11.34 -32.09
CA SER B 97 9.85 -9.92 -32.21
C SER B 97 9.66 -9.44 -33.64
N GLN B 98 8.72 -8.52 -33.83
CA GLN B 98 8.47 -7.91 -35.13
C GLN B 98 7.62 -6.65 -34.93
N PRO B 99 7.76 -5.68 -35.85
CA PRO B 99 6.89 -4.50 -35.77
C PRO B 99 5.47 -4.82 -36.27
N ASN B 100 4.51 -4.03 -35.81
CA ASN B 100 3.13 -4.14 -36.25
C ASN B 100 2.55 -5.52 -35.97
N LYS B 101 2.54 -5.89 -34.70
CA LYS B 101 2.07 -7.22 -34.34
C LYS B 101 0.57 -7.38 -34.51
N PHE B 102 -0.16 -6.28 -34.69
CA PHE B 102 -1.62 -6.32 -34.58
C PHE B 102 -2.39 -6.35 -35.91
N THR B 103 -1.69 -6.35 -37.04
CA THR B 103 -2.37 -6.19 -38.33
C THR B 103 -3.42 -7.27 -38.57
N LYS B 104 -3.09 -8.52 -38.27
CA LYS B 104 -4.00 -9.66 -38.51
C LYS B 104 -4.71 -10.17 -37.24
N ILE B 105 -4.71 -9.39 -36.17
CA ILE B 105 -5.18 -9.86 -34.86
C ILE B 105 -6.53 -9.22 -34.49
N ALA B 106 -7.47 -10.05 -34.06
CA ALA B 106 -8.75 -9.58 -33.55
C ALA B 106 -8.57 -9.00 -32.14
N TYR B 107 -8.76 -7.68 -32.00
CA TYR B 107 -8.59 -7.03 -30.68
C TYR B 107 -9.65 -5.95 -30.52
N GLU B 108 -9.89 -5.52 -29.29
CA GLU B 108 -10.67 -4.33 -29.00
C GLU B 108 -9.86 -3.45 -28.05
N LEU B 109 -10.01 -2.14 -28.13
CA LEU B 109 -9.37 -1.24 -27.18
C LEU B 109 -10.17 -1.18 -25.88
N GLY B 110 -9.48 -1.27 -24.75
CA GLY B 110 -10.11 -1.23 -23.48
C GLY B 110 -10.74 0.12 -23.27
N ASN B 111 -11.84 0.14 -22.55
CA ASN B 111 -12.60 1.35 -22.31
C ASN B 111 -11.84 2.36 -21.49
N LYS B 112 -11.08 1.91 -20.50
CA LYS B 112 -10.37 2.83 -19.61
C LYS B 112 -8.94 3.18 -20.07
N THR B 113 -8.30 2.33 -20.85
CA THR B 113 -6.91 2.62 -21.25
C THR B 113 -6.68 2.76 -22.74
N ASN B 114 -7.63 2.31 -23.55
CA ASN B 114 -7.44 2.35 -24.99
C ASN B 114 -6.30 1.45 -25.45
N CYS B 115 -5.94 0.48 -24.60
CA CYS B 115 -4.87 -0.47 -24.89
C CYS B 115 -5.54 -1.74 -25.38
N PRO B 116 -4.92 -2.44 -26.36
CA PRO B 116 -5.56 -3.59 -26.98
C PRO B 116 -5.84 -4.75 -26.06
N LEU B 117 -7.05 -5.28 -26.16
CA LEU B 117 -7.43 -6.50 -25.46
C LEU B 117 -7.68 -7.53 -26.53
N ILE B 118 -7.22 -8.75 -26.31
CA ILE B 118 -7.19 -9.78 -27.34
C ILE B 118 -8.48 -10.62 -27.31
N ASN B 119 -9.23 -10.60 -28.43
CA ASN B 119 -10.45 -11.38 -28.53
C ASN B 119 -10.21 -12.85 -28.31
N GLY B 120 -11.16 -13.50 -27.65
CA GLY B 120 -11.04 -14.91 -27.32
C GLY B 120 -10.42 -15.22 -25.97
N ALA B 121 -9.70 -14.25 -25.39
CA ALA B 121 -9.07 -14.44 -24.09
C ALA B 121 -10.09 -14.78 -23.03
N THR B 122 -9.66 -15.48 -21.99
CA THR B 122 -10.54 -15.81 -20.86
C THR B 122 -10.98 -14.56 -20.07
N CYS B 123 -10.11 -13.58 -19.98
CA CYS B 123 -10.41 -12.33 -19.29
C CYS B 123 -9.38 -11.22 -19.52
N TYR B 124 -9.80 -10.01 -19.15
CA TYR B 124 -9.11 -8.78 -19.47
C TYR B 124 -8.80 -8.01 -18.20
N ILE B 125 -7.64 -7.37 -18.17
CA ILE B 125 -7.29 -6.48 -17.06
C ILE B 125 -6.76 -5.17 -17.63
N GLU B 126 -7.28 -4.04 -17.16
CA GLU B 126 -6.71 -2.74 -17.52
C GLU B 126 -6.01 -2.10 -16.35
N CYS B 127 -4.84 -1.54 -16.60
CA CYS B 127 -4.03 -0.87 -15.58
C CYS B 127 -3.56 0.51 -15.93
N ASN B 128 -3.48 1.38 -14.93
CA ASN B 128 -2.57 2.52 -14.98
C ASN B 128 -1.23 2.12 -14.36
N LYS B 129 -0.13 2.58 -14.96
CA LYS B 129 1.16 2.26 -14.43
C LYS B 129 1.31 2.90 -13.05
N TYR B 130 1.77 2.12 -12.09
CA TYR B 130 1.83 2.57 -10.70
C TYR B 130 3.27 2.81 -10.26
N ALA B 131 4.20 2.02 -10.81
CA ALA B 131 5.62 2.11 -10.50
C ALA B 131 6.39 1.19 -11.43
N SER B 132 7.70 1.42 -11.44
CA SER B 132 8.59 0.81 -12.40
C SER B 132 9.95 0.62 -11.73
N TYR B 133 10.56 -0.57 -11.82
CA TYR B 133 11.91 -0.83 -11.23
C TYR B 133 12.82 -1.62 -12.13
N ASP B 134 14.06 -1.15 -12.30
CA ASP B 134 15.11 -1.94 -12.90
CA ASP B 134 15.10 -1.97 -12.93
C ASP B 134 15.34 -3.21 -12.07
N ALA B 135 15.55 -4.35 -12.71
CA ALA B 135 15.86 -5.60 -11.99
C ALA B 135 16.65 -6.57 -12.84
N GLY B 136 17.97 -6.54 -12.71
CA GLY B 136 18.83 -7.26 -13.58
C GLY B 136 18.63 -6.85 -15.03
N ASP B 137 18.39 -7.82 -15.90
CA ASP B 137 18.22 -7.55 -17.34
C ASP B 137 16.76 -7.32 -17.74
N HIS B 138 15.89 -7.12 -16.74
CA HIS B 138 14.51 -6.78 -17.00
C HIS B 138 14.14 -5.49 -16.25
N VAL B 139 12.93 -5.03 -16.54
CA VAL B 139 12.27 -4.01 -15.76
C VAL B 139 10.97 -4.62 -15.23
N ILE B 140 10.66 -4.30 -13.98
CA ILE B 140 9.41 -4.76 -13.36
C ILE B 140 8.45 -3.63 -13.49
N PHE B 141 7.29 -3.91 -14.09
CA PHE B 141 6.24 -2.89 -14.19
C PHE B 141 5.10 -3.27 -13.24
N ILE B 142 4.73 -2.33 -12.38
CA ILE B 142 3.59 -2.50 -11.50
C ILE B 142 2.42 -1.68 -12.00
N GLY B 143 1.28 -2.34 -12.20
CA GLY B 143 0.04 -1.66 -12.61
C GLY B 143 -1.02 -1.68 -11.53
N GLU B 144 -1.70 -0.55 -11.40
CA GLU B 144 -2.93 -0.48 -10.63
C GLU B 144 -4.09 -0.90 -11.51
N VAL B 145 -4.85 -1.90 -11.08
CA VAL B 145 -5.95 -2.42 -11.87
C VAL B 145 -7.09 -1.43 -11.81
N ILE B 146 -7.49 -0.91 -12.96
CA ILE B 146 -8.64 0.03 -13.04
C ILE B 146 -9.86 -0.51 -13.78
N ASN B 147 -9.75 -1.68 -14.38
CA ASN B 147 -10.92 -2.35 -14.96
C ASN B 147 -10.62 -3.85 -15.12
N THR B 148 -11.67 -4.67 -15.09
CA THR B 148 -11.53 -6.09 -15.27
C THR B 148 -12.80 -6.59 -15.92
N ALA B 149 -12.67 -7.62 -16.74
CA ALA B 149 -13.82 -8.35 -17.23
C ALA B 149 -13.44 -9.81 -17.42
N ILE B 150 -14.23 -10.69 -16.83
CA ILE B 150 -14.13 -12.09 -17.12
C ILE B 150 -15.03 -12.32 -18.32
N LYS B 151 -14.48 -12.88 -19.39
CA LYS B 151 -15.24 -12.95 -20.65
C LYS B 151 -15.96 -14.28 -20.85
N ASN B 152 -15.31 -15.36 -20.41
CA ASN B 152 -15.81 -16.71 -20.62
C ASN B 152 -15.26 -17.66 -19.57
N ASP B 153 -15.74 -18.91 -19.61
CA ASP B 153 -15.30 -19.98 -18.72
C ASP B 153 -14.31 -20.90 -19.43
N LEU B 154 -13.74 -20.48 -20.55
CA LEU B 154 -12.72 -21.34 -21.19
C LEU B 154 -11.57 -21.53 -20.21
N LYS B 155 -10.87 -22.64 -20.33
CA LYS B 155 -9.76 -22.91 -19.44
C LYS B 155 -8.47 -22.21 -19.93
N PRO B 156 -7.55 -21.85 -19.02
CA PRO B 156 -6.36 -21.05 -19.37
C PRO B 156 -5.27 -21.85 -20.05
N LEU B 157 -4.54 -21.18 -20.94
CA LEU B 157 -3.29 -21.73 -21.44
C LEU B 157 -2.28 -21.79 -20.30
N LEU B 158 -1.56 -22.90 -20.23
CA LEU B 158 -0.45 -23.04 -19.30
C LEU B 158 0.89 -23.08 -20.04
N TYR B 159 1.92 -22.56 -19.38
CA TYR B 159 3.31 -22.72 -19.80
C TYR B 159 4.10 -23.38 -18.67
N PHE B 160 4.67 -24.55 -18.97
CA PHE B 160 5.35 -25.38 -17.99
C PHE B 160 6.48 -26.14 -18.66
N HIS B 161 7.65 -26.15 -18.02
CA HIS B 161 8.74 -26.96 -18.48
C HIS B 161 9.03 -26.58 -19.93
N LYS B 162 9.00 -25.27 -20.23
CA LYS B 162 9.36 -24.74 -21.54
C LYS B 162 8.41 -25.25 -22.65
N SER B 163 7.15 -25.45 -22.28
CA SER B 163 6.16 -25.98 -23.22
C SER B 163 4.75 -25.63 -22.81
N TYR B 164 3.85 -25.68 -23.79
CA TYR B 164 2.46 -25.35 -23.61
C TYR B 164 1.68 -26.58 -23.17
N THR B 165 0.78 -26.41 -22.23
CA THR B 165 0.00 -27.51 -21.72
C THR B 165 -1.30 -26.93 -21.15
N ASN B 166 -2.06 -27.76 -20.46
CA ASN B 166 -3.39 -27.41 -20.00
C ASN B 166 -3.58 -27.93 -18.60
N LEU B 167 -4.55 -27.35 -17.92
CA LEU B 167 -5.10 -27.93 -16.72
C LEU B 167 -5.81 -29.25 -17.05
N GLN B 168 -5.89 -30.08 -16.02
CA GLN B 168 -6.67 -31.30 -16.03
C GLN B 168 -8.11 -31.09 -16.48
N VAL C 13 -5.84 37.69 7.20
CA VAL C 13 -6.68 36.46 7.21
C VAL C 13 -7.62 36.50 8.43
N THR C 14 -8.92 36.63 8.17
CA THR C 14 -9.92 36.80 9.21
C THR C 14 -10.24 35.43 9.81
N GLU C 15 -10.82 35.40 11.00
CA GLU C 15 -11.15 34.13 11.67
C GLU C 15 -12.24 33.39 10.89
N SER C 16 -13.15 34.13 10.25
CA SER C 16 -14.23 33.50 9.51
C SER C 16 -13.62 32.82 8.28
N GLN C 17 -12.79 33.56 7.57
CA GLN C 17 -12.01 33.05 6.45
C GLN C 17 -11.27 31.75 6.77
N PHE C 18 -10.50 31.76 7.84
CA PHE C 18 -9.72 30.60 8.24
C PHE C 18 -10.60 29.43 8.68
N LYS C 19 -11.53 29.66 9.60
CA LYS C 19 -12.40 28.55 10.05
C LYS C 19 -13.28 27.99 8.95
N ASP C 20 -13.84 28.88 8.13
CA ASP C 20 -14.75 28.48 7.09
C ASP C 20 -14.03 27.61 6.06
N THR C 21 -12.83 28.05 5.68
CA THR C 21 -12.00 27.36 4.69
C THR C 21 -11.54 26.03 5.26
N MET C 22 -11.03 26.03 6.48
CA MET C 22 -10.57 24.78 7.11
C MET C 22 -11.72 23.77 7.39
N SER C 23 -12.94 24.25 7.52
CA SER C 23 -14.10 23.37 7.66
C SER C 23 -14.39 22.52 6.41
N ARG C 24 -13.85 22.92 5.26
CA ARG C 24 -13.89 22.09 4.06
C ARG C 24 -13.01 20.85 4.10
N PHE C 25 -12.12 20.72 5.07
CA PHE C 25 -11.37 19.47 5.22
C PHE C 25 -12.12 18.55 6.15
N PRO C 26 -12.70 17.45 5.59
CA PRO C 26 -13.49 16.54 6.38
C PRO C 26 -12.58 15.72 7.25
N GLN C 27 -13.08 15.32 8.41
CA GLN C 27 -12.32 14.52 9.38
C GLN C 27 -13.24 13.62 10.14
N GLY C 28 -12.64 12.57 10.68
CA GLY C 28 -13.34 11.70 11.59
C GLY C 28 -13.51 12.39 12.92
N VAL C 29 -14.13 11.69 13.84
CA VAL C 29 -14.38 12.19 15.19
C VAL C 29 -13.98 11.15 16.22
N THR C 30 -13.21 11.58 17.22
CA THR C 30 -12.71 10.73 18.28
C THR C 30 -13.01 11.32 19.66
N ILE C 31 -13.01 10.45 20.66
CA ILE C 31 -12.98 10.88 22.03
C ILE C 31 -11.59 10.54 22.56
N ILE C 32 -10.87 11.58 23.01
CA ILE C 32 -9.58 11.44 23.60
C ILE C 32 -9.67 11.66 25.10
N THR C 33 -9.07 10.72 25.83
CA THR C 33 -9.19 10.64 27.26
C THR C 33 -7.87 10.38 28.00
N THR C 34 -7.87 10.75 29.26
CA THR C 34 -6.78 10.45 30.16
C THR C 34 -7.33 10.19 31.56
N ASN C 35 -6.53 9.46 32.34
CA ASN C 35 -6.76 9.18 33.74
C ASN C 35 -5.64 9.89 34.49
N CYS C 36 -5.99 10.95 35.23
CA CYS C 36 -5.00 11.77 35.93
C CYS C 36 -5.32 11.76 37.41
N ASN C 37 -4.44 11.15 38.19
CA ASN C 37 -4.59 11.07 39.63
C ASN C 37 -5.91 10.37 39.98
N ASN C 38 -6.23 9.33 39.22
CA ASN C 38 -7.46 8.58 39.36
C ASN C 38 -8.74 9.34 39.04
N GLU C 39 -8.63 10.34 38.20
CA GLU C 39 -9.78 11.07 37.73
C GLU C 39 -9.80 11.07 36.20
N LEU C 40 -10.99 10.94 35.66
CA LEU C 40 -11.16 10.77 34.24
C LEU C 40 -11.49 12.09 33.54
N PHE C 41 -10.79 12.31 32.44
CA PHE C 41 -10.94 13.49 31.62
C PHE C 41 -11.14 13.04 30.20
N GLY C 42 -11.86 13.80 29.40
CA GLY C 42 -11.94 13.47 27.98
C GLY C 42 -12.59 14.55 27.16
N PHE C 43 -12.33 14.54 25.86
CA PHE C 43 -12.94 15.54 24.98
C PHE C 43 -13.12 15.00 23.59
N THR C 44 -14.01 15.62 22.83
CA THR C 44 -14.19 15.29 21.42
C THR C 44 -13.16 15.99 20.57
N ALA C 45 -12.45 15.21 19.77
CA ALA C 45 -11.37 15.71 18.91
C ALA C 45 -11.61 15.29 17.48
N SER C 46 -11.45 16.23 16.55
CA SER C 46 -11.29 15.90 15.15
C SER C 46 -9.89 16.23 14.60
N SER C 47 -8.99 16.71 15.44
CA SER C 47 -7.57 16.89 15.01
C SER C 47 -6.69 15.61 15.00
N LEU C 48 -7.21 14.43 15.29
CA LEU C 48 -6.37 13.24 15.21
C LEU C 48 -5.64 13.16 13.85
N THR C 49 -4.35 12.89 13.85
CA THR C 49 -3.75 12.38 12.61
C THR C 49 -2.61 11.45 12.86
N SER C 50 -2.45 10.55 11.90
CA SER C 50 -1.31 9.66 11.87
CA SER C 50 -1.31 9.65 11.85
C SER C 50 -0.05 10.45 11.55
N VAL C 51 1.03 10.15 12.27
CA VAL C 51 2.29 10.89 12.13
C VAL C 51 3.45 10.04 11.64
N SER C 52 3.62 8.85 12.22
CA SER C 52 4.78 8.04 11.98
C SER C 52 4.41 6.57 12.00
N LEU C 53 5.07 5.81 11.13
CA LEU C 53 4.92 4.35 11.09
C LEU C 53 5.88 3.66 12.08
N LYS C 54 7.15 4.06 12.09
CA LYS C 54 8.17 3.50 13.00
C LYS C 54 8.92 4.63 13.66
N PRO C 55 8.71 4.85 14.96
CA PRO C 55 7.68 4.20 15.79
C PRO C 55 6.28 4.62 15.36
N PRO C 56 5.27 3.88 15.79
CA PRO C 56 3.91 4.22 15.39
C PRO C 56 3.37 5.42 16.22
N LEU C 57 3.22 6.57 15.57
CA LEU C 57 2.82 7.82 16.29
C LEU C 57 1.57 8.45 15.70
N ILE C 58 0.75 9.03 16.56
CA ILE C 58 -0.38 9.87 16.16
C ILE C 58 -0.25 11.20 16.85
N LEU C 59 -1.03 12.17 16.46
CA LEU C 59 -1.06 13.40 17.21
C LEU C 59 -2.47 13.90 17.32
N PHE C 60 -2.67 14.77 18.30
CA PHE C 60 -3.90 15.55 18.38
C PHE C 60 -3.57 16.96 18.89
N CYS C 61 -4.52 17.86 18.74
CA CYS C 61 -4.31 19.27 19.13
C CYS C 61 -5.37 19.61 20.15
N LEU C 62 -5.01 20.35 21.19
CA LEU C 62 -5.95 20.69 22.27
C LEU C 62 -5.75 22.12 22.63
N ASN C 63 -6.85 22.87 22.74
CA ASN C 63 -6.81 24.31 23.05
C ASN C 63 -6.26 24.56 24.44
N LYS C 64 -5.37 25.55 24.57
CA LYS C 64 -4.74 25.87 25.82
C LYS C 64 -5.77 26.33 26.89
N ASN C 65 -6.91 26.86 26.46
CA ASN C 65 -8.00 27.24 27.37
C ASN C 65 -8.94 26.09 27.68
N SER C 66 -8.60 24.89 27.21
CA SER C 66 -9.40 23.71 27.51
C SER C 66 -9.41 23.41 28.99
N PHE C 67 -10.54 22.95 29.50
CA PHE C 67 -10.55 22.52 30.89
C PHE C 67 -9.89 21.15 31.15
N SER C 68 -9.55 20.40 30.11
CA SER C 68 -8.81 19.13 30.27
C SER C 68 -7.29 19.26 30.09
N ILE C 69 -6.82 20.45 29.68
CA ILE C 69 -5.42 20.55 29.21
C ILE C 69 -4.46 20.14 30.33
N ASN C 70 -4.73 20.59 31.56
CA ASN C 70 -3.83 20.27 32.68
C ASN C 70 -3.68 18.74 32.82
N SER C 71 -4.78 18.01 32.69
CA SER C 71 -4.77 16.60 32.90
C SER C 71 -3.90 15.87 31.89
N PHE C 72 -3.93 16.29 30.64
CA PHE C 72 -3.08 15.70 29.58
C PHE C 72 -1.58 16.06 29.75
N GLN C 73 -1.32 17.29 30.21
CA GLN C 73 0.06 17.75 30.47
C GLN C 73 0.70 16.99 31.60
N LYS C 74 -0.09 16.68 32.64
CA LYS C 74 0.45 16.00 33.82
C LYS C 74 0.53 14.48 33.65
N SER C 75 -0.41 13.86 32.96
CA SER C 75 -0.35 12.40 32.79
C SER C 75 0.61 12.07 31.68
N ASP C 76 0.96 10.78 31.55
CA ASP C 76 1.93 10.36 30.54
C ASP C 76 1.35 9.34 29.53
N LYS C 77 0.04 9.19 29.53
CA LYS C 77 -0.64 8.22 28.68
C LYS C 77 -2.03 8.78 28.38
N PHE C 78 -2.58 8.33 27.27
CA PHE C 78 -3.92 8.68 26.85
C PHE C 78 -4.49 7.63 25.90
N ALA C 79 -5.80 7.67 25.74
CA ALA C 79 -6.52 6.74 24.85
C ALA C 79 -7.38 7.52 23.86
N VAL C 80 -7.60 6.90 22.70
CA VAL C 80 -8.38 7.45 21.63
C VAL C 80 -9.42 6.40 21.22
N SER C 81 -10.68 6.85 21.10
CA SER C 81 -11.78 6.04 20.58
C SER C 81 -12.34 6.69 19.29
N ILE C 82 -12.28 5.98 18.16
CA ILE C 82 -12.81 6.48 16.88
C ILE C 82 -14.31 6.21 16.82
N LEU C 83 -15.12 7.25 16.70
CA LEU C 83 -16.57 7.14 16.85
C LEU C 83 -17.24 6.67 15.57
N ALA C 84 -18.26 5.84 15.73
CA ALA C 84 -19.06 5.34 14.64
C ALA C 84 -20.14 6.37 14.38
N GLU C 85 -20.73 6.30 13.19
CA GLU C 85 -21.76 7.26 12.76
C GLU C 85 -23.00 7.27 13.65
N ASN C 86 -23.24 6.22 14.44
CA ASN C 86 -24.38 6.24 15.34
C ASN C 86 -24.06 6.85 16.69
N GLN C 87 -22.90 7.50 16.81
CA GLN C 87 -22.47 8.05 18.10
C GLN C 87 -22.40 9.56 18.17
N ILE C 88 -23.22 10.29 17.38
CA ILE C 88 -23.26 11.76 17.51
C ILE C 88 -23.53 12.20 18.95
N ASP C 89 -24.37 11.47 19.69
CA ASP C 89 -24.73 11.89 21.05
C ASP C 89 -23.53 11.85 22.00
N ILE C 90 -22.70 10.84 21.87
CA ILE C 90 -21.45 10.78 22.61
C ILE C 90 -20.48 11.90 22.20
N SER C 91 -20.37 12.16 20.89
CA SER C 91 -19.56 13.27 20.41
C SER C 91 -20.01 14.60 21.04
N LYS C 92 -21.32 14.84 21.04
CA LYS C 92 -21.85 16.07 21.60
C LYS C 92 -21.64 16.14 23.08
N HIS C 93 -21.80 15.01 23.75
CA HIS C 93 -21.63 14.94 25.18
C HIS C 93 -20.21 15.38 25.59
N PHE C 94 -19.20 14.89 24.89
CA PHE C 94 -17.81 15.19 25.22
C PHE C 94 -17.30 16.49 24.61
N ALA C 95 -18.09 17.13 23.77
CA ALA C 95 -17.76 18.45 23.28
C ALA C 95 -18.35 19.47 24.25
N LYS C 96 -19.43 19.11 24.93
CA LYS C 96 -20.07 19.99 25.89
C LYS C 96 -19.23 19.94 27.15
N SER C 97 -18.85 21.11 27.68
CA SER C 97 -17.90 21.16 28.80
C SER C 97 -18.46 20.75 30.17
N GLN C 98 -19.46 19.87 30.20
CA GLN C 98 -20.24 19.52 31.43
C GLN C 98 -19.49 18.65 32.45
N PRO C 99 -19.90 18.71 33.74
CA PRO C 99 -19.17 18.01 34.81
C PRO C 99 -19.51 16.53 34.85
N ASN C 100 -18.62 15.72 35.45
CA ASN C 100 -18.82 14.28 35.54
C ASN C 100 -19.19 13.71 34.17
N LYS C 101 -18.33 14.04 33.19
CA LYS C 101 -18.47 13.57 31.83
C LYS C 101 -18.66 12.06 31.68
N PHE C 102 -18.09 11.27 32.59
CA PHE C 102 -18.09 9.81 32.41
C PHE C 102 -19.21 9.09 33.16
N THR C 103 -20.01 9.79 33.94
CA THR C 103 -20.95 9.08 34.80
C THR C 103 -22.11 8.46 33.99
N LYS C 104 -22.58 9.14 32.95
CA LYS C 104 -23.63 8.58 32.08
C LYS C 104 -23.09 7.81 30.85
N ILE C 105 -21.80 7.48 30.81
CA ILE C 105 -21.16 6.93 29.59
C ILE C 105 -20.69 5.49 29.79
N ALA C 106 -20.91 4.64 28.78
CA ALA C 106 -20.43 3.25 28.82
C ALA C 106 -18.99 3.25 28.30
N TYR C 107 -18.06 2.92 29.18
CA TYR C 107 -16.64 2.87 28.80
C TYR C 107 -15.94 1.71 29.52
N GLU C 108 -14.80 1.31 28.96
CA GLU C 108 -13.92 0.35 29.62
C GLU C 108 -12.52 1.00 29.69
N LEU C 109 -11.68 0.54 30.59
CA LEU C 109 -10.38 1.16 30.77
C LEU C 109 -9.32 0.35 30.02
N GLY C 110 -8.47 1.05 29.29
CA GLY C 110 -7.44 0.39 28.54
C GLY C 110 -6.52 -0.46 29.39
N ASN C 111 -6.03 -1.53 28.79
CA ASN C 111 -5.15 -2.48 29.46
C ASN C 111 -3.74 -1.95 29.66
N LYS C 112 -3.32 -1.03 28.82
CA LYS C 112 -1.96 -0.49 28.96
C LYS C 112 -1.91 0.92 29.47
N THR C 113 -3.05 1.56 29.61
CA THR C 113 -3.07 2.94 30.05
C THR C 113 -4.02 3.25 31.19
N ASN C 114 -4.93 2.32 31.47
CA ASN C 114 -5.98 2.58 32.41
C ASN C 114 -6.81 3.82 32.04
N CYS C 115 -6.85 4.15 30.74
CA CYS C 115 -7.64 5.29 30.24
C CYS C 115 -8.97 4.87 29.58
N PRO C 116 -10.02 5.69 29.69
CA PRO C 116 -11.32 5.25 29.19
C PRO C 116 -11.37 5.08 27.67
N LEU C 117 -11.88 3.91 27.24
CA LEU C 117 -12.18 3.64 25.86
C LEU C 117 -13.70 3.54 25.74
N ILE C 118 -14.26 4.23 24.74
CA ILE C 118 -15.70 4.41 24.68
C ILE C 118 -16.42 3.26 23.99
N ASN C 119 -17.31 2.58 24.71
CA ASN C 119 -18.08 1.49 24.12
C ASN C 119 -18.85 1.92 22.90
N GLY C 120 -18.78 1.07 21.88
CA GLY C 120 -19.44 1.34 20.61
C GLY C 120 -18.55 1.93 19.53
N ALA C 121 -17.42 2.51 19.93
CA ALA C 121 -16.46 3.08 18.98
C ALA C 121 -15.96 1.95 18.12
N THR C 122 -15.53 2.28 16.92
CA THR C 122 -15.12 1.33 15.92
C THR C 122 -13.72 0.82 16.21
N CYS C 123 -12.89 1.68 16.78
CA CYS C 123 -11.50 1.37 17.06
C CYS C 123 -11.09 1.99 18.36
N TYR C 124 -10.19 1.27 19.05
CA TYR C 124 -9.53 1.75 20.27
C TYR C 124 -8.05 1.92 20.00
N ILE C 125 -7.47 2.97 20.55
CA ILE C 125 -6.04 3.23 20.44
C ILE C 125 -5.53 3.69 21.80
N GLU C 126 -4.45 3.05 22.28
CA GLU C 126 -3.84 3.48 23.54
C GLU C 126 -2.45 4.03 23.26
N CYS C 127 -2.07 5.08 23.97
CA CYS C 127 -0.78 5.75 23.73
C CYS C 127 -0.02 6.09 25.00
N ASN C 128 1.31 6.06 24.88
CA ASN C 128 2.15 6.89 25.73
C ASN C 128 2.29 8.26 25.13
N LYS C 129 2.50 9.24 25.98
CA LYS C 129 2.84 10.56 25.51
C LYS C 129 4.30 10.54 25.09
N TYR C 130 4.52 10.92 23.84
CA TYR C 130 5.83 10.82 23.24
C TYR C 130 6.53 12.19 23.22
N ALA C 131 5.75 13.25 23.05
CA ALA C 131 6.23 14.63 23.06
C ALA C 131 5.01 15.54 23.03
N SER C 132 5.17 16.79 23.51
CA SER C 132 4.14 17.81 23.31
C SER C 132 4.79 19.16 23.04
N TYR C 133 4.10 19.98 22.26
CA TYR C 133 4.67 21.24 21.79
C TYR C 133 3.59 22.30 21.80
N ASP C 134 3.93 23.51 22.27
CA ASP C 134 3.03 24.64 22.18
C ASP C 134 3.01 25.01 20.72
N ALA C 135 1.82 25.35 20.22
CA ALA C 135 1.63 25.72 18.82
C ALA C 135 0.50 26.71 18.82
N GLY C 136 0.85 28.01 18.79
CA GLY C 136 -0.15 29.07 18.79
C GLY C 136 -1.03 28.94 20.03
N ASP C 137 -2.37 28.85 19.87
CA ASP C 137 -3.26 28.80 21.04
C ASP C 137 -3.66 27.38 21.41
N HIS C 138 -3.02 26.38 20.80
CA HIS C 138 -3.20 25.02 21.21
C HIS C 138 -1.87 24.43 21.66
N VAL C 139 -1.96 23.18 22.14
CA VAL C 139 -0.81 22.35 22.35
C VAL C 139 -0.97 21.13 21.45
N ILE C 140 0.11 20.76 20.79
CA ILE C 140 0.17 19.52 20.02
C ILE C 140 0.69 18.39 20.88
N PHE C 141 -0.11 17.33 21.01
CA PHE C 141 0.31 16.15 21.77
C PHE C 141 0.57 14.97 20.82
N ILE C 142 1.77 14.41 20.86
CA ILE C 142 2.10 13.24 20.02
C ILE C 142 2.07 12.01 20.93
N GLY C 143 1.41 10.93 20.45
CA GLY C 143 1.38 9.67 21.19
C GLY C 143 2.05 8.57 20.41
N GLU C 144 2.73 7.69 21.13
CA GLU C 144 3.20 6.44 20.60
C GLU C 144 2.12 5.42 20.89
N VAL C 145 1.69 4.74 19.84
CA VAL C 145 0.62 3.78 19.93
C VAL C 145 1.18 2.48 20.52
N ILE C 146 0.66 2.09 21.67
CA ILE C 146 1.13 0.92 22.41
C ILE C 146 0.10 -0.19 22.46
N ASN C 147 -1.07 0.07 21.90
CA ASN C 147 -2.13 -0.92 21.78
C ASN C 147 -3.18 -0.39 20.79
N THR C 148 -3.78 -1.31 20.02
CA THR C 148 -4.93 -0.96 19.18
C THR C 148 -5.90 -2.12 19.10
N ALA C 149 -7.18 -1.83 18.91
CA ALA C 149 -8.16 -2.89 18.66
C ALA C 149 -9.27 -2.39 17.78
N ILE C 150 -9.69 -3.24 16.86
CA ILE C 150 -10.79 -2.95 15.97
C ILE C 150 -11.98 -3.70 16.56
N LYS C 151 -13.02 -2.95 16.91
CA LYS C 151 -14.13 -3.46 17.71
C LYS C 151 -15.40 -3.75 16.93
N ASN C 152 -15.64 -3.02 15.85
CA ASN C 152 -16.79 -3.32 15.00
C ASN C 152 -16.54 -2.91 13.55
N ASP C 153 -17.53 -3.06 12.67
CA ASP C 153 -17.34 -2.67 11.29
C ASP C 153 -18.32 -1.60 10.89
N LEU C 154 -18.75 -0.80 11.86
CA LEU C 154 -19.66 0.30 11.56
C LEU C 154 -18.91 1.39 10.79
N LYS C 155 -19.64 2.19 10.04
CA LYS C 155 -19.06 3.32 9.37
C LYS C 155 -18.70 4.43 10.37
N PRO C 156 -17.64 5.19 10.08
CA PRO C 156 -17.25 6.24 11.00
C PRO C 156 -18.13 7.49 10.94
N LEU C 157 -18.19 8.19 12.07
CA LEU C 157 -18.74 9.52 12.12
C LEU C 157 -17.79 10.52 11.46
N LEU C 158 -18.32 11.46 10.69
CA LEU C 158 -17.48 12.48 10.06
C LEU C 158 -17.94 13.83 10.53
N TYR C 159 -17.02 14.79 10.58
CA TYR C 159 -17.33 16.21 10.76
C TYR C 159 -16.82 17.01 9.55
N PHE C 160 -17.73 17.71 8.87
CA PHE C 160 -17.42 18.44 7.64
C PHE C 160 -18.28 19.68 7.54
N HIS C 161 -17.67 20.79 7.14
CA HIS C 161 -18.37 22.05 7.02
C HIS C 161 -19.17 22.39 8.25
N LYS C 162 -18.59 22.17 9.42
CA LYS C 162 -19.20 22.61 10.68
C LYS C 162 -20.46 21.79 11.01
N SER C 163 -20.52 20.57 10.52
CA SER C 163 -21.69 19.76 10.65
C SER C 163 -21.30 18.29 10.75
N TYR C 164 -22.07 17.48 11.47
CA TYR C 164 -21.86 16.02 11.42
C TYR C 164 -22.31 15.44 10.09
N THR C 165 -21.55 14.50 9.54
CA THR C 165 -22.04 13.80 8.33
C THR C 165 -21.55 12.36 8.27
N ASN C 166 -21.75 11.74 7.11
CA ASN C 166 -21.65 10.30 6.93
C ASN C 166 -20.95 9.97 5.60
N LEU C 167 -20.25 8.84 5.51
CA LEU C 167 -19.70 8.37 4.25
C LEU C 167 -20.78 7.75 3.41
N GLN C 168 -20.58 7.72 2.09
CA GLN C 168 -21.54 7.09 1.19
C GLN C 168 -21.63 5.62 1.54
N VAL D 13 3.25 -3.02 19.15
CA VAL D 13 2.21 -2.81 18.09
C VAL D 13 2.88 -2.76 16.72
N THR D 14 2.46 -3.67 15.84
CA THR D 14 3.10 -3.81 14.54
C THR D 14 2.67 -2.71 13.59
N GLU D 15 3.51 -2.45 12.59
CA GLU D 15 3.15 -1.56 11.49
C GLU D 15 1.77 -1.91 10.93
N SER D 16 1.55 -3.18 10.64
CA SER D 16 0.28 -3.63 10.07
C SER D 16 -0.94 -3.25 10.94
N GLN D 17 -0.91 -3.64 12.19
CA GLN D 17 -1.97 -3.34 13.14
C GLN D 17 -2.23 -1.83 13.21
N PHE D 18 -1.16 -1.05 13.29
CA PHE D 18 -1.26 0.39 13.34
C PHE D 18 -2.02 0.91 12.13
N LYS D 19 -1.59 0.51 10.94
CA LYS D 19 -2.17 1.04 9.70
C LYS D 19 -3.62 0.61 9.53
N ASP D 20 -3.89 -0.64 9.83
CA ASP D 20 -5.24 -1.16 9.72
C ASP D 20 -6.17 -0.37 10.64
N THR D 21 -5.73 -0.08 11.86
CA THR D 21 -6.55 0.70 12.77
C THR D 21 -6.73 2.13 12.28
N MET D 22 -5.64 2.81 11.93
CA MET D 22 -5.72 4.21 11.47
C MET D 22 -6.45 4.41 10.16
N SER D 23 -6.44 3.39 9.31
CA SER D 23 -7.20 3.45 8.08
C SER D 23 -8.71 3.55 8.30
N ARG D 24 -9.14 3.38 9.55
CA ARG D 24 -10.54 3.43 9.89
C ARG D 24 -10.90 4.81 10.41
N PHE D 25 -9.89 5.69 10.49
CA PHE D 25 -10.12 7.12 10.65
C PHE D 25 -10.17 7.75 9.25
N PRO D 26 -11.37 8.20 8.82
CA PRO D 26 -11.50 8.79 7.50
C PRO D 26 -10.84 10.16 7.44
N GLN D 27 -10.20 10.45 6.32
CA GLN D 27 -9.57 11.77 6.11
C GLN D 27 -9.79 12.34 4.73
N GLY D 28 -9.78 13.66 4.66
CA GLY D 28 -9.80 14.38 3.40
C GLY D 28 -8.48 14.16 2.68
N VAL D 29 -8.36 14.72 1.50
CA VAL D 29 -7.18 14.54 0.68
C VAL D 29 -6.74 15.86 0.09
N THR D 30 -5.45 16.19 0.25
CA THR D 30 -4.88 17.42 -0.28
C THR D 30 -3.64 17.21 -1.12
N ILE D 31 -3.34 18.19 -1.95
CA ILE D 31 -2.04 18.27 -2.59
C ILE D 31 -1.34 19.47 -1.95
N ILE D 32 -0.14 19.21 -1.45
CA ILE D 32 0.67 20.16 -0.71
C ILE D 32 1.92 20.41 -1.55
N THR D 33 2.23 21.69 -1.76
CA THR D 33 3.23 22.02 -2.76
C THR D 33 4.15 23.11 -2.26
N THR D 34 5.30 23.20 -2.91
CA THR D 34 6.15 24.33 -2.72
C THR D 34 6.91 24.61 -4.03
N ASN D 35 7.50 25.79 -4.12
CA ASN D 35 8.26 26.26 -5.26
C ASN D 35 9.64 26.59 -4.69
N CYS D 36 10.66 25.84 -5.06
CA CYS D 36 11.98 25.98 -4.44
C CYS D 36 12.93 26.37 -5.56
N ASN D 37 13.25 27.66 -5.62
CA ASN D 37 14.06 28.24 -6.69
C ASN D 37 13.52 27.80 -8.05
N ASN D 38 12.24 28.07 -8.27
CA ASN D 38 11.54 27.78 -9.56
C ASN D 38 11.28 26.33 -9.93
N GLU D 39 11.76 25.39 -9.13
CA GLU D 39 11.43 23.99 -9.29
C GLU D 39 10.17 23.73 -8.47
N LEU D 40 9.21 23.03 -9.05
CA LEU D 40 7.95 22.73 -8.43
C LEU D 40 7.93 21.34 -7.78
N PHE D 41 7.42 21.28 -6.56
CA PHE D 41 7.29 20.04 -5.79
C PHE D 41 5.92 19.91 -5.19
N GLY D 42 5.39 18.69 -5.21
CA GLY D 42 4.11 18.41 -4.59
C GLY D 42 3.95 16.99 -4.13
N PHE D 43 3.06 16.78 -3.16
CA PHE D 43 2.68 15.41 -2.80
C PHE D 43 1.25 15.37 -2.30
N THR D 44 0.67 14.18 -2.38
CA THR D 44 -0.67 13.93 -1.85
C THR D 44 -0.61 13.70 -0.35
N ALA D 45 -1.43 14.44 0.40
CA ALA D 45 -1.40 14.40 1.85
C ALA D 45 -2.80 14.30 2.47
N SER D 46 -2.96 13.35 3.40
CA SER D 46 -4.15 13.25 4.22
C SER D 46 -3.92 13.64 5.69
N SER D 47 -2.67 13.93 6.06
CA SER D 47 -2.40 14.32 7.45
C SER D 47 -2.59 15.83 7.77
N LEU D 48 -3.38 16.56 7.01
CA LEU D 48 -3.66 17.94 7.32
C LEU D 48 -4.54 18.05 8.58
N THR D 49 -4.23 19.01 9.43
CA THR D 49 -5.15 19.38 10.49
CA THR D 49 -5.07 19.33 10.57
C THR D 49 -4.95 20.83 10.93
N SER D 50 -6.04 21.44 11.32
CA SER D 50 -6.01 22.76 11.95
C SER D 50 -5.34 22.61 13.31
N VAL D 51 -4.58 23.61 13.70
CA VAL D 51 -3.76 23.60 14.89
C VAL D 51 -4.14 24.76 15.85
N SER D 52 -4.19 25.98 15.31
CA SER D 52 -4.39 27.18 16.13
C SER D 52 -5.27 28.15 15.40
N LEU D 53 -6.03 28.95 16.14
CA LEU D 53 -6.85 30.03 15.57
C LEU D 53 -6.09 31.38 15.63
N LYS D 54 -5.44 31.67 16.74
CA LYS D 54 -4.63 32.90 16.91
C LYS D 54 -3.24 32.47 17.37
N PRO D 55 -2.25 32.44 16.48
CA PRO D 55 -2.40 32.77 15.07
C PRO D 55 -3.00 31.59 14.33
N PRO D 56 -3.41 31.82 13.08
CA PRO D 56 -4.04 30.73 12.31
C PRO D 56 -3.02 29.77 11.71
N LEU D 57 -2.91 28.58 12.34
CA LEU D 57 -1.88 27.58 11.99
C LEU D 57 -2.54 26.28 11.60
N ILE D 58 -1.89 25.60 10.68
CA ILE D 58 -2.27 24.23 10.29
C ILE D 58 -0.99 23.40 10.29
N LEU D 59 -1.15 22.08 10.23
CA LEU D 59 0.02 21.23 10.09
C LEU D 59 -0.23 20.10 9.10
N PHE D 60 0.88 19.55 8.62
CA PHE D 60 0.91 18.30 7.83
C PHE D 60 2.14 17.53 8.15
N CYS D 61 2.11 16.23 7.83
CA CYS D 61 3.21 15.34 8.13
C CYS D 61 3.74 14.78 6.83
N LEU D 62 5.06 14.77 6.69
CA LEU D 62 5.67 14.30 5.47
C LEU D 62 6.73 13.27 5.78
N ASN D 63 6.73 12.16 5.05
CA ASN D 63 7.71 11.08 5.27
C ASN D 63 9.13 11.52 4.97
N LYS D 64 10.04 11.12 5.84
CA LYS D 64 11.46 11.38 5.65
C LYS D 64 12.04 10.67 4.43
N ASN D 65 11.38 9.62 3.92
CA ASN D 65 11.84 8.91 2.72
C ASN D 65 11.27 9.45 1.41
N SER D 66 10.52 10.55 1.48
CA SER D 66 9.87 11.07 0.25
C SER D 66 10.86 11.86 -0.61
N PHE D 67 10.64 11.84 -1.92
CA PHE D 67 11.50 12.61 -2.84
C PHE D 67 11.46 14.11 -2.52
N SER D 68 10.33 14.58 -2.01
CA SER D 68 10.04 16.01 -1.91
C SER D 68 10.48 16.66 -0.60
N ILE D 69 10.87 15.87 0.39
CA ILE D 69 11.03 16.42 1.74
C ILE D 69 12.14 17.46 1.79
N ASN D 70 13.21 17.23 1.05
CA ASN D 70 14.33 18.16 1.03
CA ASN D 70 14.34 18.15 0.98
C ASN D 70 13.86 19.55 0.63
N SER D 71 13.01 19.63 -0.39
CA SER D 71 12.52 20.91 -0.88
C SER D 71 11.63 21.62 0.12
N PHE D 72 10.75 20.87 0.80
CA PHE D 72 9.93 21.47 1.88
C PHE D 72 10.77 21.92 3.05
N GLN D 73 11.85 21.19 3.34
CA GLN D 73 12.73 21.58 4.43
C GLN D 73 13.51 22.83 4.06
N LYS D 74 13.90 22.98 2.80
CA LYS D 74 14.69 24.14 2.39
C LYS D 74 13.82 25.38 2.14
N SER D 75 12.54 25.21 1.79
CA SER D 75 11.71 26.38 1.46
C SER D 75 10.93 26.91 2.66
N ASP D 76 10.60 28.20 2.60
CA ASP D 76 9.93 28.89 3.70
C ASP D 76 8.41 29.07 3.51
N LYS D 77 7.87 28.51 2.43
CA LYS D 77 6.43 28.58 2.15
C LYS D 77 5.91 27.32 1.51
N PHE D 78 4.59 27.14 1.61
CA PHE D 78 3.89 26.05 0.93
C PHE D 78 2.43 26.39 0.70
N ALA D 79 1.82 25.66 -0.24
CA ALA D 79 0.38 25.76 -0.47
C ALA D 79 -0.31 24.40 -0.39
N VAL D 80 -1.62 24.46 -0.13
CA VAL D 80 -2.46 23.30 0.10
C VAL D 80 -3.71 23.48 -0.76
N SER D 81 -4.08 22.43 -1.48
CA SER D 81 -5.32 22.41 -2.22
C SER D 81 -6.13 21.22 -1.73
N ILE D 82 -7.34 21.47 -1.27
CA ILE D 82 -8.20 20.41 -0.77
C ILE D 82 -8.94 19.83 -1.96
N LEU D 83 -8.75 18.54 -2.21
CA LEU D 83 -9.28 17.94 -3.41
C LEU D 83 -10.79 17.64 -3.32
N ALA D 84 -11.45 17.83 -4.46
CA ALA D 84 -12.84 17.46 -4.65
C ALA D 84 -12.94 15.98 -4.98
N GLU D 85 -14.14 15.44 -4.85
CA GLU D 85 -14.36 14.02 -5.01
C GLU D 85 -14.14 13.51 -6.43
N ASN D 86 -14.14 14.42 -7.42
CA ASN D 86 -13.84 14.05 -8.82
C ASN D 86 -12.34 14.15 -9.17
N GLN D 87 -11.48 14.19 -8.16
CA GLN D 87 -10.04 14.41 -8.40
C GLN D 87 -9.13 13.24 -7.93
N ILE D 88 -9.68 12.03 -7.95
CA ILE D 88 -8.93 10.83 -7.55
C ILE D 88 -7.66 10.68 -8.40
N ASP D 89 -7.78 10.94 -9.70
CA ASP D 89 -6.61 10.82 -10.59
C ASP D 89 -5.49 11.75 -10.20
N ILE D 90 -5.83 12.96 -9.76
CA ILE D 90 -4.83 13.90 -9.31
C ILE D 90 -4.16 13.42 -8.02
N SER D 91 -4.96 12.93 -7.08
CA SER D 91 -4.43 12.34 -5.87
C SER D 91 -3.43 11.21 -6.18
N LYS D 92 -3.81 10.29 -7.06
CA LYS D 92 -2.94 9.16 -7.38
C LYS D 92 -1.68 9.61 -8.08
N HIS D 93 -1.80 10.65 -8.91
CA HIS D 93 -0.69 11.23 -9.62
C HIS D 93 0.34 11.75 -8.65
N PHE D 94 -0.10 12.57 -7.70
CA PHE D 94 0.82 13.22 -6.77
C PHE D 94 1.36 12.28 -5.69
N ALA D 95 0.81 11.08 -5.59
CA ALA D 95 1.32 10.07 -4.64
C ALA D 95 2.57 9.32 -5.15
N LYS D 96 2.84 9.37 -6.45
CA LYS D 96 3.99 8.70 -7.06
C LYS D 96 5.29 9.44 -6.74
N SER D 97 6.41 8.72 -6.66
CA SER D 97 7.73 9.35 -6.56
C SER D 97 8.28 9.50 -7.97
N GLN D 98 7.86 10.55 -8.66
CA GLN D 98 8.28 10.82 -10.03
C GLN D 98 8.65 12.30 -10.09
N PRO D 99 9.65 12.67 -10.91
CA PRO D 99 9.97 14.09 -11.01
C PRO D 99 9.01 14.78 -11.96
N ASN D 100 9.05 16.10 -12.04
CA ASN D 100 8.24 16.83 -13.01
C ASN D 100 6.77 16.46 -12.94
N LYS D 101 6.21 16.50 -11.73
CA LYS D 101 4.81 16.14 -11.54
C LYS D 101 3.84 17.18 -12.11
N PHE D 102 4.31 18.36 -12.47
CA PHE D 102 3.39 19.45 -12.81
C PHE D 102 3.17 19.70 -14.28
N THR D 103 3.86 18.94 -15.13
CA THR D 103 3.89 19.26 -16.55
C THR D 103 2.56 19.06 -17.25
N LYS D 104 1.76 18.10 -16.81
CA LYS D 104 0.44 17.89 -17.42
C LYS D 104 -0.74 18.29 -16.51
N ILE D 105 -0.46 18.95 -15.39
CA ILE D 105 -1.50 19.34 -14.42
C ILE D 105 -1.84 20.81 -14.59
N ALA D 106 -3.13 21.13 -14.50
CA ALA D 106 -3.63 22.51 -14.44
C ALA D 106 -3.39 23.10 -13.06
N TYR D 107 -2.59 24.15 -13.00
CA TYR D 107 -2.31 24.76 -11.71
C TYR D 107 -2.11 26.27 -11.88
N GLU D 108 -2.20 27.01 -10.79
CA GLU D 108 -1.85 28.42 -10.78
C GLU D 108 -0.90 28.65 -9.60
N LEU D 109 0.05 29.57 -9.72
CA LEU D 109 0.95 29.86 -8.60
C LEU D 109 0.24 30.83 -7.67
N GLY D 110 0.26 30.51 -6.38
CA GLY D 110 -0.40 31.32 -5.38
C GLY D 110 0.12 32.74 -5.34
N ASN D 111 -0.80 33.67 -5.13
CA ASN D 111 -0.51 35.09 -5.07
C ASN D 111 0.50 35.47 -3.98
N LYS D 112 0.46 34.80 -2.83
CA LYS D 112 1.35 35.17 -1.71
C LYS D 112 2.64 34.35 -1.63
N THR D 113 2.60 33.10 -2.08
CA THR D 113 3.69 32.18 -1.89
C THR D 113 4.37 31.73 -3.19
N ASN D 114 3.73 31.99 -4.32
CA ASN D 114 4.21 31.49 -5.59
C ASN D 114 4.23 29.95 -5.65
N CYS D 115 3.46 29.29 -4.78
CA CYS D 115 3.41 27.83 -4.71
C CYS D 115 2.20 27.32 -5.47
N PRO D 116 2.33 26.14 -6.10
CA PRO D 116 1.26 25.68 -6.96
C PRO D 116 -0.05 25.38 -6.24
N LEU D 117 -1.12 25.93 -6.79
CA LEU D 117 -2.48 25.61 -6.36
C LEU D 117 -3.18 24.84 -7.48
N ILE D 118 -3.90 23.77 -7.12
CA ILE D 118 -4.38 22.76 -8.08
C ILE D 118 -5.77 23.11 -8.54
N ASN D 119 -5.95 23.33 -9.84
CA ASN D 119 -7.24 23.78 -10.37
C ASN D 119 -8.26 22.69 -10.17
N GLY D 120 -9.52 23.05 -9.92
CA GLY D 120 -10.57 22.07 -9.63
C GLY D 120 -10.77 21.74 -8.14
N ALA D 121 -9.79 22.09 -7.31
CA ALA D 121 -9.84 21.87 -5.86
C ALA D 121 -10.97 22.66 -5.27
N THR D 122 -11.45 22.20 -4.13
CA THR D 122 -12.55 22.88 -3.45
C THR D 122 -12.05 24.16 -2.78
N CYS D 123 -10.79 24.15 -2.34
CA CYS D 123 -10.20 25.20 -1.48
C CYS D 123 -8.72 25.32 -1.69
N TYR D 124 -8.23 26.54 -1.51
CA TYR D 124 -6.81 26.87 -1.57
C TYR D 124 -6.42 27.46 -0.23
N ILE D 125 -5.22 27.11 0.23
CA ILE D 125 -4.65 27.69 1.41
C ILE D 125 -3.20 27.98 1.11
N GLU D 126 -2.75 29.18 1.47
CA GLU D 126 -1.34 29.52 1.35
C GLU D 126 -0.73 29.72 2.75
N CYS D 127 0.48 29.20 2.92
CA CYS D 127 1.19 29.31 4.18
C CYS D 127 2.63 29.78 4.10
N ASN D 128 3.03 30.51 5.14
CA ASN D 128 4.43 30.57 5.56
C ASN D 128 4.73 29.39 6.43
N LYS D 129 5.91 28.80 6.28
CA LYS D 129 6.38 27.76 7.16
C LYS D 129 6.72 28.39 8.50
N TYR D 130 6.02 27.98 9.55
CA TYR D 130 6.07 28.59 10.88
C TYR D 130 6.98 27.82 11.86
N ALA D 131 7.01 26.49 11.71
CA ALA D 131 7.75 25.60 12.60
C ALA D 131 7.75 24.20 12.01
N SER D 132 8.60 23.35 12.55
CA SER D 132 8.65 21.97 12.15
C SER D 132 9.34 21.16 13.22
N TYR D 133 9.00 19.87 13.26
CA TYR D 133 9.45 18.99 14.30
C TYR D 133 9.68 17.61 13.76
N ASP D 134 10.77 17.01 14.18
CA ASP D 134 11.01 15.60 13.99
CA ASP D 134 10.99 15.59 13.93
C ASP D 134 9.92 14.80 14.70
N ALA D 135 9.38 13.78 14.06
CA ALA D 135 8.42 12.89 14.73
C ALA D 135 8.49 11.51 14.10
N GLY D 136 9.29 10.63 14.70
CA GLY D 136 9.55 9.31 14.18
C GLY D 136 10.11 9.38 12.78
N ASP D 137 9.46 8.72 11.84
CA ASP D 137 9.93 8.63 10.47
C ASP D 137 9.34 9.71 9.57
N HIS D 138 8.65 10.69 10.17
CA HIS D 138 8.15 11.89 9.48
C HIS D 138 8.67 13.19 10.14
N VAL D 139 8.44 14.29 9.43
CA VAL D 139 8.55 15.65 9.96
C VAL D 139 7.18 16.27 9.92
N ILE D 140 6.78 16.89 11.04
CA ILE D 140 5.62 17.70 11.15
C ILE D 140 5.96 19.11 10.75
N PHE D 141 5.28 19.60 9.72
CA PHE D 141 5.43 20.98 9.24
C PHE D 141 4.22 21.77 9.67
N ILE D 142 4.46 22.90 10.34
CA ILE D 142 3.40 23.78 10.74
C ILE D 142 3.44 25.04 9.84
N GLY D 143 2.29 25.39 9.28
CA GLY D 143 2.15 26.59 8.43
C GLY D 143 1.28 27.67 9.06
N GLU D 144 1.68 28.92 8.93
CA GLU D 144 0.80 30.04 9.29
C GLU D 144 0.02 30.40 8.03
N VAL D 145 -1.31 30.39 8.12
CA VAL D 145 -2.15 30.64 6.96
C VAL D 145 -2.15 32.14 6.67
N ILE D 146 -1.73 32.48 5.45
CA ILE D 146 -1.65 33.88 5.03
C ILE D 146 -2.63 34.19 3.89
N ASN D 147 -3.21 33.16 3.28
CA ASN D 147 -4.26 33.38 2.29
C ASN D 147 -5.15 32.12 2.21
N THR D 148 -6.40 32.34 1.82
CA THR D 148 -7.37 31.30 1.64
C THR D 148 -8.38 31.71 0.56
N ALA D 149 -8.89 30.72 -0.14
CA ALA D 149 -10.00 30.92 -1.05
C ALA D 149 -10.80 29.65 -1.14
N ILE D 150 -12.11 29.73 -0.89
CA ILE D 150 -13.01 28.63 -1.23
C ILE D 150 -13.38 28.79 -2.72
N LYS D 151 -13.14 27.77 -3.52
CA LYS D 151 -13.29 27.91 -4.95
C LYS D 151 -14.65 27.39 -5.43
N ASN D 152 -15.22 26.39 -4.76
CA ASN D 152 -16.49 25.79 -5.21
C ASN D 152 -17.13 25.00 -4.11
N ASP D 153 -18.38 24.54 -4.34
CA ASP D 153 -19.15 23.76 -3.37
C ASP D 153 -19.07 22.25 -3.62
N LEU D 154 -18.13 21.81 -4.44
CA LEU D 154 -17.96 20.41 -4.66
C LEU D 154 -17.62 19.69 -3.34
N LYS D 155 -18.07 18.45 -3.23
CA LYS D 155 -17.81 17.67 -2.05
C LYS D 155 -16.38 17.12 -2.09
N PRO D 156 -15.77 16.97 -0.91
CA PRO D 156 -14.36 16.55 -0.81
C PRO D 156 -14.09 15.09 -1.12
N LEU D 157 -12.90 14.83 -1.65
CA LEU D 157 -12.40 13.46 -1.78
C LEU D 157 -12.12 12.97 -0.37
N LEU D 158 -12.37 11.69 -0.15
CA LEU D 158 -12.11 11.05 1.13
C LEU D 158 -11.24 9.82 0.91
N TYR D 159 -10.40 9.55 1.90
CA TYR D 159 -9.55 8.37 1.94
C TYR D 159 -9.92 7.64 3.24
N PHE D 160 -10.30 6.38 3.09
CA PHE D 160 -10.88 5.56 4.15
C PHE D 160 -10.70 4.09 3.81
N HIS D 161 -10.20 3.35 4.80
CA HIS D 161 -9.97 1.91 4.66
C HIS D 161 -9.08 1.67 3.42
N LYS D 162 -8.09 2.55 3.22
CA LYS D 162 -7.09 2.43 2.14
C LYS D 162 -7.70 2.46 0.76
N SER D 163 -8.81 3.18 0.66
CA SER D 163 -9.47 3.43 -0.60
C SER D 163 -10.01 4.80 -0.59
N TYR D 164 -10.31 5.28 -1.79
CA TYR D 164 -10.99 6.53 -1.97
C TYR D 164 -12.51 6.38 -1.88
N THR D 165 -13.15 7.38 -1.33
CA THR D 165 -14.60 7.33 -1.24
C THR D 165 -15.13 8.75 -1.12
N ASN D 166 -16.40 8.87 -0.74
CA ASN D 166 -17.06 10.17 -0.66
C ASN D 166 -18.06 10.26 0.44
N LEU D 167 -18.49 11.48 0.72
CA LEU D 167 -19.47 11.77 1.72
C LEU D 167 -20.84 11.40 1.24
N GLN D 168 -21.75 11.24 2.18
CA GLN D 168 -23.17 11.08 1.90
C GLN D 168 -23.63 12.30 1.11
#